data_3CHQ
#
_entry.id   3CHQ
#
_cell.length_a   68.234
_cell.length_b   133.262
_cell.length_c   84.591
_cell.angle_alpha   90.00
_cell.angle_beta   90.00
_cell.angle_gamma   90.00
#
_symmetry.space_group_name_H-M   'P 21 21 2'
#
loop_
_entity.id
_entity.type
_entity.pdbx_description
1 polymer 'Leukotriene A-4 hydrolase'
2 non-polymer 'ZINC ION'
3 non-polymer 'YTTERBIUM (III) ION'
4 non-polymer IMIDAZOLE
5 non-polymer '(2S)-2-amino-5-oxo-5-[(4-phenylmethoxyphenyl)amino]pentanoic acid'
6 water water
#
_entity_poly.entity_id   1
_entity_poly.type   'polypeptide(L)'
_entity_poly.pdbx_seq_one_letter_code
;PEIVDTCSLASPASVCRTKHLHLRCSVDFTRRTLTGTAALTVQSQEDNLRSLVLDTKDLTIEKVVINGQEVKYALGERQS
YKGSPMEISLPIALSKNQEIVIEISFETSPKSSALQWLTPEQTSGKEHPYLFSQCQAIHCRAILPCQDTPSVKLTYTAEV
SVPKELVALMSAIRDGETPDPEDPSRKIYKFIQKVPIPCYLIALVVGALESRQIGPRTLVWSEKEQVEKSAYEFSETESM
LKIAEDLGGPYVWGQYDLLVLPPSFPYGGMENPCLTFVTPTLLAGDKSLSNVIAHEISHSWTGNLVTNKTWDHFWLNEGH
TVYLERHICGRLFGEKFRHFNALGGWGELQNSVKTFGETHPFTKLVVDLTDIDPDVAYSSVPYEKGFALLFYLEQLLGGP
EIFLGFLKAYVEKFSYKSITTDDWKDFLYSYFKDKVDVLNQVDWNAWLYSPGLPPIKPNYDMTLTNACIALSQRWITAKE
DDLNSFNATDLKDLSSHQLNEFLAQTLQRAPLPLGHIKRMQEVYNFNAINNSEIRFRWLRLCIQSKWEDAIPLALKMATE
QGRMKFTRPLFKDLAAFDKSHDQAVRTYQEHKASMHPVTAMLVGKDLKVD
;
_entity_poly.pdbx_strand_id   A
#
loop_
_chem_comp.id
_chem_comp.type
_chem_comp.name
_chem_comp.formula
4BQ non-polymer '(2S)-2-amino-5-oxo-5-[(4-phenylmethoxyphenyl)amino]pentanoic acid' 'C18 H20 N2 O4'
IMD non-polymer IMIDAZOLE 'C3 H5 N2 1'
YB non-polymer 'YTTERBIUM (III) ION' 'Yb 3'
ZN non-polymer 'ZINC ION' 'Zn 2'
#
# COMPACT_ATOMS: atom_id res chain seq x y z
N ILE A 3 -23.91 -3.36 5.20
CA ILE A 3 -23.54 -2.20 4.42
C ILE A 3 -23.25 -2.60 2.97
N VAL A 4 -23.62 -1.73 2.04
CA VAL A 4 -23.29 -1.92 0.63
C VAL A 4 -21.94 -1.27 0.35
N ASP A 5 -21.24 -1.76 -0.67
CA ASP A 5 -19.98 -1.16 -1.08
C ASP A 5 -20.23 -0.08 -2.14
N THR A 6 -20.12 1.19 -1.73
CA THR A 6 -20.39 2.30 -2.64
C THR A 6 -19.32 2.50 -3.72
N CYS A 7 -18.20 1.78 -3.61
CA CYS A 7 -17.14 1.88 -4.60
C CYS A 7 -17.23 0.85 -5.72
N SER A 8 -18.14 -0.12 -5.58
CA SER A 8 -18.31 -1.15 -6.60
C SER A 8 -19.65 -1.01 -7.30
N LEU A 9 -19.70 -1.38 -8.57
CA LEU A 9 -20.95 -1.34 -9.32
C LEU A 9 -21.51 -2.75 -9.47
N ALA A 10 -20.72 -3.74 -9.05
CA ALA A 10 -21.08 -5.15 -9.21
C ALA A 10 -22.21 -5.58 -8.29
N SER A 11 -22.76 -6.76 -8.56
CA SER A 11 -23.71 -7.38 -7.65
C SER A 11 -23.06 -7.52 -6.26
N PRO A 12 -23.78 -7.12 -5.21
CA PRO A 12 -23.29 -7.24 -3.84
C PRO A 12 -23.19 -8.70 -3.38
N ALA A 13 -22.39 -8.94 -2.35
CA ALA A 13 -22.20 -10.28 -1.80
C ALA A 13 -23.50 -10.85 -1.24
N SER A 14 -24.51 -10.00 -1.07
CA SER A 14 -25.81 -10.47 -0.58
C SER A 14 -26.68 -10.99 -1.71
N VAL A 15 -26.15 -10.96 -2.94
CA VAL A 15 -26.83 -11.55 -4.08
C VAL A 15 -26.07 -12.75 -4.63
N CYS A 16 -24.77 -12.58 -4.87
CA CYS A 16 -23.93 -13.68 -5.32
C CYS A 16 -22.48 -13.47 -4.91
N ARG A 17 -21.72 -14.56 -4.88
CA ARG A 17 -20.34 -14.50 -4.42
C ARG A 17 -19.42 -15.29 -5.34
N THR A 18 -18.30 -14.69 -5.71
CA THR A 18 -17.31 -15.37 -6.53
C THR A 18 -16.43 -16.22 -5.63
N LYS A 19 -16.40 -17.52 -5.88
CA LYS A 19 -15.69 -18.44 -5.00
C LYS A 19 -14.30 -18.74 -5.56
N HIS A 20 -14.15 -18.60 -6.86
CA HIS A 20 -12.89 -18.97 -7.50
C HIS A 20 -12.71 -18.28 -8.84
N LEU A 21 -11.47 -17.99 -9.19
CA LEU A 21 -11.13 -17.46 -10.50
C LEU A 21 -10.11 -18.37 -11.17
N HIS A 22 -10.39 -18.77 -12.40
CA HIS A 22 -9.35 -19.38 -13.22
C HIS A 22 -8.92 -18.41 -14.30
N LEU A 23 -7.63 -18.12 -14.33
CA LEU A 23 -7.10 -17.10 -15.22
C LEU A 23 -6.04 -17.71 -16.14
N ARG A 24 -6.33 -17.67 -17.44
CA ARG A 24 -5.33 -17.96 -18.45
C ARG A 24 -5.22 -16.77 -19.38
N CYS A 25 -4.03 -16.20 -19.49
CA CYS A 25 -3.83 -15.03 -20.32
C CYS A 25 -2.40 -14.94 -20.83
N SER A 26 -2.19 -14.10 -21.83
CA SER A 26 -0.86 -13.88 -22.38
C SER A 26 -0.48 -12.42 -22.24
N VAL A 27 0.81 -12.17 -22.03
CA VAL A 27 1.32 -10.81 -21.84
C VAL A 27 1.98 -10.31 -23.12
N ASP A 28 1.40 -9.29 -23.72
CA ASP A 28 1.90 -8.76 -24.99
C ASP A 28 2.48 -7.35 -24.83
N PHE A 29 3.81 -7.27 -24.80
CA PHE A 29 4.50 -6.01 -24.58
C PHE A 29 4.50 -5.13 -25.84
N THR A 30 4.50 -5.76 -27.00
CA THR A 30 4.40 -5.03 -28.26
C THR A 30 3.11 -4.25 -28.34
N ARG A 31 2.03 -4.81 -27.80
CA ARG A 31 0.73 -4.17 -27.88
C ARG A 31 0.22 -3.67 -26.52
N ARG A 32 1.01 -3.94 -25.47
CA ARG A 32 0.69 -3.51 -24.11
C ARG A 32 -0.71 -3.96 -23.71
N THR A 33 -1.00 -5.24 -23.94
CA THR A 33 -2.29 -5.82 -23.58
C THR A 33 -2.12 -7.10 -22.78
N LEU A 34 -3.06 -7.34 -21.87
CA LEU A 34 -3.26 -8.68 -21.33
C LEU A 34 -4.51 -9.24 -21.97
N THR A 35 -4.36 -10.39 -22.62
CA THR A 35 -5.51 -11.03 -23.25
C THR A 35 -5.67 -12.43 -22.72
N GLY A 36 -6.92 -12.85 -22.56
CA GLY A 36 -7.18 -14.19 -22.06
C GLY A 36 -8.61 -14.42 -21.60
N THR A 37 -8.79 -15.46 -20.79
CA THR A 37 -10.11 -15.77 -20.25
C THR A 37 -10.09 -15.73 -18.73
N ALA A 38 -11.20 -15.26 -18.16
CA ALA A 38 -11.35 -15.27 -16.72
C ALA A 38 -12.55 -16.13 -16.34
N ALA A 39 -12.27 -17.34 -15.85
CA ALA A 39 -13.35 -18.23 -15.46
C ALA A 39 -13.73 -18.00 -13.99
N LEU A 40 -14.89 -17.40 -13.79
CA LEU A 40 -15.39 -17.09 -12.45
C LEU A 40 -16.40 -18.15 -11.99
N THR A 41 -16.12 -18.77 -10.83
CA THR A 41 -17.09 -19.63 -10.20
C THR A 41 -17.92 -18.79 -9.25
N VAL A 42 -19.18 -18.57 -9.62
CA VAL A 42 -20.07 -17.68 -8.87
C VAL A 42 -21.15 -18.48 -8.16
N GLN A 43 -21.45 -18.08 -6.92
CA GLN A 43 -22.44 -18.78 -6.10
C GLN A 43 -23.61 -17.85 -5.76
N SER A 44 -24.83 -18.30 -6.04
CA SER A 44 -26.02 -17.50 -5.78
C SER A 44 -26.35 -17.49 -4.29
N GLN A 45 -26.88 -16.36 -3.82
CA GLN A 45 -27.22 -16.21 -2.42
C GLN A 45 -28.72 -16.03 -2.28
N GLU A 46 -29.42 -16.15 -3.40
CA GLU A 46 -30.86 -15.99 -3.43
C GLU A 46 -31.45 -16.93 -4.47
N ASP A 47 -32.75 -17.19 -4.35
CA ASP A 47 -33.43 -18.03 -5.33
C ASP A 47 -33.78 -17.22 -6.56
N ASN A 48 -33.72 -17.88 -7.72
CA ASN A 48 -34.18 -17.27 -8.96
C ASN A 48 -33.25 -16.15 -9.41
N LEU A 49 -31.95 -16.37 -9.30
CA LEU A 49 -30.97 -15.43 -9.83
C LEU A 49 -30.78 -15.70 -11.32
N ARG A 50 -31.03 -14.68 -12.14
CA ARG A 50 -31.00 -14.84 -13.59
C ARG A 50 -29.93 -13.99 -14.28
N SER A 51 -29.52 -12.90 -13.63
CA SER A 51 -28.46 -12.05 -14.16
C SER A 51 -27.70 -11.37 -13.03
N LEU A 52 -26.38 -11.25 -13.20
CA LEU A 52 -25.55 -10.52 -12.26
C LEU A 52 -24.71 -9.43 -12.94
N VAL A 53 -24.22 -8.48 -12.15
CA VAL A 53 -23.40 -7.39 -12.69
C VAL A 53 -21.99 -7.43 -12.10
N LEU A 54 -21.00 -7.27 -12.97
CA LEU A 54 -19.59 -7.23 -12.56
C LEU A 54 -18.99 -5.84 -12.80
N ASP A 55 -17.86 -5.57 -12.16
CA ASP A 55 -17.09 -4.34 -12.41
C ASP A 55 -16.15 -4.51 -13.59
N THR A 56 -16.04 -3.48 -14.42
CA THR A 56 -14.98 -3.40 -15.43
C THR A 56 -14.51 -1.95 -15.53
N LYS A 57 -13.29 -1.76 -16.03
CA LYS A 57 -12.82 -0.42 -16.38
C LYS A 57 -11.88 -0.50 -17.58
N ASP A 58 -12.28 0.14 -18.68
CA ASP A 58 -11.50 0.08 -19.93
C ASP A 58 -11.14 -1.33 -20.34
N LEU A 59 -12.06 -2.26 -20.17
CA LEU A 59 -11.83 -3.61 -20.64
C LEU A 59 -12.49 -3.79 -22.01
N THR A 60 -11.84 -4.56 -22.88
CA THR A 60 -12.48 -5.01 -24.11
C THR A 60 -12.96 -6.45 -23.95
N ILE A 61 -14.27 -6.63 -24.02
CA ILE A 61 -14.89 -7.95 -23.86
C ILE A 61 -15.17 -8.61 -25.21
N GLU A 62 -14.51 -9.73 -25.47
CA GLU A 62 -14.73 -10.46 -26.71
C GLU A 62 -15.99 -11.33 -26.65
N LYS A 63 -16.10 -12.16 -25.61
CA LYS A 63 -17.29 -12.99 -25.43
C LYS A 63 -17.47 -13.47 -23.99
N VAL A 64 -18.72 -13.78 -23.63
CA VAL A 64 -19.03 -14.40 -22.34
C VAL A 64 -19.62 -15.80 -22.53
N VAL A 65 -18.88 -16.82 -22.13
CA VAL A 65 -19.32 -18.20 -22.30
C VAL A 65 -19.80 -18.82 -20.99
N ILE A 66 -20.95 -19.50 -21.06
CA ILE A 66 -21.43 -20.34 -19.97
C ILE A 66 -21.84 -21.72 -20.50
N ASN A 67 -21.32 -22.78 -19.89
CA ASN A 67 -21.67 -24.13 -20.30
C ASN A 67 -21.50 -24.30 -21.81
N GLY A 68 -20.30 -24.00 -22.30
CA GLY A 68 -19.98 -24.26 -23.70
C GLY A 68 -20.64 -23.31 -24.69
N GLN A 69 -21.62 -22.53 -24.23
CA GLN A 69 -22.35 -21.64 -25.12
C GLN A 69 -22.03 -20.18 -24.84
N GLU A 70 -22.18 -19.33 -25.86
CA GLU A 70 -22.03 -17.90 -25.66
C GLU A 70 -23.35 -17.30 -25.16
N VAL A 71 -23.25 -16.39 -24.21
CA VAL A 71 -24.44 -15.80 -23.62
C VAL A 71 -24.50 -14.29 -23.79
N LYS A 72 -25.64 -13.70 -23.42
CA LYS A 72 -25.87 -12.28 -23.56
C LYS A 72 -25.21 -11.50 -22.43
N TYR A 73 -24.67 -10.32 -22.77
CA TYR A 73 -24.11 -9.42 -21.77
C TYR A 73 -24.17 -7.98 -22.28
N ALA A 74 -24.27 -7.03 -21.35
CA ALA A 74 -24.34 -5.62 -21.70
C ALA A 74 -23.41 -4.77 -20.83
N LEU A 75 -22.66 -3.89 -21.46
CA LEU A 75 -21.81 -2.94 -20.74
C LEU A 75 -22.53 -1.60 -20.61
N GLY A 76 -22.78 -1.18 -19.37
CA GLY A 76 -23.42 0.11 -19.15
C GLY A 76 -22.46 1.27 -19.35
N GLU A 77 -22.98 2.49 -19.23
CA GLU A 77 -22.16 3.68 -19.37
C GLU A 77 -21.14 3.76 -18.23
N ARG A 78 -19.94 4.25 -18.55
CA ARG A 78 -18.89 4.37 -17.55
C ARG A 78 -19.24 5.45 -16.54
N GLN A 79 -18.94 5.22 -15.27
CA GLN A 79 -19.19 6.20 -14.23
C GLN A 79 -17.87 6.65 -13.61
N SER A 80 -17.22 7.61 -14.27
CA SER A 80 -15.92 8.13 -13.89
C SER A 80 -14.94 7.06 -13.40
N TYR A 81 -14.45 7.22 -12.17
CA TYR A 81 -13.37 6.37 -11.68
C TYR A 81 -13.84 4.95 -11.40
N LYS A 82 -15.15 4.77 -11.23
CA LYS A 82 -15.73 3.45 -10.98
C LYS A 82 -15.68 2.51 -12.19
N GLY A 83 -15.68 3.07 -13.40
CA GLY A 83 -15.72 2.25 -14.59
C GLY A 83 -17.12 1.95 -15.08
N SER A 84 -17.27 0.87 -15.85
CA SER A 84 -18.55 0.53 -16.46
C SER A 84 -19.09 -0.82 -15.97
N PRO A 85 -20.35 -0.85 -15.52
CA PRO A 85 -20.97 -2.11 -15.08
C PRO A 85 -21.19 -3.08 -16.24
N MET A 86 -20.85 -4.34 -16.02
CA MET A 86 -21.08 -5.39 -17.02
C MET A 86 -22.14 -6.38 -16.53
N GLU A 87 -23.34 -6.32 -17.11
CA GLU A 87 -24.43 -7.20 -16.72
C GLU A 87 -24.44 -8.49 -17.56
N ILE A 88 -24.51 -9.63 -16.88
CA ILE A 88 -24.42 -10.94 -17.54
C ILE A 88 -25.66 -11.79 -17.32
N SER A 89 -26.30 -12.22 -18.40
CA SER A 89 -27.51 -13.02 -18.31
C SER A 89 -27.18 -14.50 -18.17
N LEU A 90 -27.76 -15.14 -17.15
CA LEU A 90 -27.55 -16.56 -16.93
C LEU A 90 -28.61 -17.36 -17.68
N PRO A 91 -28.19 -18.44 -18.37
CA PRO A 91 -29.11 -19.30 -19.12
C PRO A 91 -30.11 -20.04 -18.23
N ILE A 92 -29.68 -20.37 -17.01
CA ILE A 92 -30.56 -21.01 -16.02
C ILE A 92 -30.61 -20.18 -14.74
N ALA A 93 -31.80 -20.09 -14.15
CA ALA A 93 -32.01 -19.28 -12.95
C ALA A 93 -31.49 -19.98 -11.71
N LEU A 94 -30.50 -19.37 -11.04
CA LEU A 94 -29.86 -19.98 -9.88
C LEU A 94 -30.68 -19.83 -8.60
N SER A 95 -30.58 -20.84 -7.74
CA SER A 95 -31.17 -20.77 -6.42
C SER A 95 -30.07 -20.72 -5.36
N LYS A 96 -30.45 -20.47 -4.11
CA LYS A 96 -29.48 -20.31 -3.04
C LYS A 96 -28.40 -21.39 -3.06
N ASN A 97 -27.15 -20.94 -3.08
CA ASN A 97 -26.00 -21.82 -2.91
C ASN A 97 -25.69 -22.66 -4.15
N GLN A 98 -26.45 -22.44 -5.21
CA GLN A 98 -26.13 -23.04 -6.50
C GLN A 98 -25.10 -22.17 -7.21
N GLU A 99 -24.17 -22.80 -7.92
CA GLU A 99 -23.10 -22.04 -8.58
C GLU A 99 -22.90 -22.37 -10.05
N ILE A 100 -22.68 -21.33 -10.85
CA ILE A 100 -22.29 -21.49 -12.25
C ILE A 100 -20.86 -21.01 -12.49
N VAL A 101 -20.26 -21.48 -13.58
CA VAL A 101 -18.95 -21.00 -14.00
C VAL A 101 -19.04 -20.17 -15.28
N ILE A 102 -18.73 -18.88 -15.17
CA ILE A 102 -18.81 -17.96 -16.29
C ILE A 102 -17.41 -17.63 -16.79
N GLU A 103 -17.14 -17.96 -18.05
CA GLU A 103 -15.83 -17.69 -18.64
C GLU A 103 -15.91 -16.46 -19.55
N ILE A 104 -15.09 -15.45 -19.25
CA ILE A 104 -15.13 -14.20 -19.99
C ILE A 104 -13.82 -13.96 -20.73
N SER A 105 -13.90 -13.84 -22.06
CA SER A 105 -12.75 -13.48 -22.87
C SER A 105 -12.61 -11.97 -22.89
N PHE A 106 -11.46 -11.47 -22.46
CA PHE A 106 -11.28 -10.04 -22.23
C PHE A 106 -9.93 -9.57 -22.78
N GLU A 107 -9.84 -8.27 -23.04
CA GLU A 107 -8.56 -7.64 -23.32
C GLU A 107 -8.43 -6.32 -22.55
N THR A 108 -7.27 -6.11 -21.94
CA THR A 108 -7.04 -4.88 -21.18
C THR A 108 -6.62 -3.75 -22.11
N SER A 109 -6.92 -2.52 -21.72
CA SER A 109 -6.42 -1.35 -22.44
C SER A 109 -4.98 -1.06 -22.03
N PRO A 110 -4.16 -0.54 -22.97
CA PRO A 110 -2.81 -0.13 -22.59
C PRO A 110 -2.86 0.94 -21.50
N LYS A 111 -3.98 1.66 -21.42
CA LYS A 111 -4.16 2.70 -20.41
C LYS A 111 -4.77 2.18 -19.11
N SER A 112 -4.67 0.88 -18.86
CA SER A 112 -5.21 0.30 -17.63
C SER A 112 -4.62 1.00 -16.40
N SER A 113 -5.48 1.49 -15.52
CA SER A 113 -5.04 2.19 -14.32
C SER A 113 -4.41 1.22 -13.31
N ALA A 114 -4.58 -0.07 -13.52
CA ALA A 114 -4.00 -1.08 -12.64
C ALA A 114 -2.55 -1.39 -13.02
N LEU A 115 -2.17 -1.01 -14.23
CA LEU A 115 -0.90 -1.46 -14.79
C LEU A 115 0.01 -0.29 -15.16
N GLN A 116 1.31 -0.49 -14.99
CA GLN A 116 2.29 0.36 -15.67
C GLN A 116 3.09 -0.52 -16.62
N TRP A 117 3.14 -0.10 -17.88
CA TRP A 117 3.98 -0.75 -18.88
C TRP A 117 5.24 0.08 -19.06
N LEU A 118 6.39 -0.53 -18.76
CA LEU A 118 7.66 0.17 -18.90
C LEU A 118 8.39 -0.28 -20.16
N THR A 119 8.93 0.68 -20.90
CA THR A 119 9.82 0.37 -22.01
C THR A 119 11.14 -0.11 -21.40
N PRO A 120 11.99 -0.76 -22.21
CA PRO A 120 13.28 -1.24 -21.72
C PRO A 120 14.20 -0.15 -21.18
N GLU A 121 14.13 1.05 -21.74
CA GLU A 121 14.96 2.14 -21.25
C GLU A 121 14.59 2.55 -19.83
N GLN A 122 13.37 2.21 -19.41
CA GLN A 122 12.88 2.55 -18.07
C GLN A 122 13.27 1.53 -17.01
N THR A 123 14.01 0.50 -17.41
CA THR A 123 14.39 -0.56 -16.48
C THR A 123 15.88 -0.45 -16.16
N SER A 124 16.33 -1.26 -15.22
CA SER A 124 17.73 -1.25 -14.84
C SER A 124 18.61 -1.88 -15.92
N GLY A 125 18.05 -2.82 -16.67
CA GLY A 125 18.85 -3.58 -17.63
C GLY A 125 18.91 -2.98 -19.01
N LYS A 126 17.89 -2.21 -19.38
CA LYS A 126 17.86 -1.50 -20.67
C LYS A 126 17.67 -2.41 -21.87
N GLU A 127 17.54 -3.72 -21.63
CA GLU A 127 17.38 -4.67 -22.72
C GLU A 127 15.96 -5.22 -22.82
N HIS A 128 15.25 -5.27 -21.69
CA HIS A 128 13.91 -5.85 -21.66
C HIS A 128 12.87 -4.92 -21.05
N PRO A 129 11.62 -5.02 -21.53
CA PRO A 129 10.48 -4.29 -20.98
C PRO A 129 10.10 -4.86 -19.61
N TYR A 130 9.06 -4.29 -19.01
CA TYR A 130 8.67 -4.67 -17.65
C TYR A 130 7.21 -4.28 -17.45
N LEU A 131 6.47 -5.10 -16.71
CA LEU A 131 5.08 -4.80 -16.38
C LEU A 131 4.84 -5.12 -14.90
N PHE A 132 4.07 -4.28 -14.22
CA PHE A 132 3.57 -4.64 -12.89
C PHE A 132 2.20 -4.07 -12.62
N SER A 133 1.44 -4.75 -11.76
CA SER A 133 0.08 -4.34 -11.43
C SER A 133 0.00 -3.77 -10.02
N GLN A 134 -1.06 -3.02 -9.77
CA GLN A 134 -1.39 -2.54 -8.43
C GLN A 134 -2.90 -2.33 -8.36
N CYS A 135 -3.60 -3.33 -7.83
CA CYS A 135 -5.06 -3.32 -7.87
C CYS A 135 -5.75 -2.55 -6.74
N GLN A 136 -5.16 -2.52 -5.56
CA GLN A 136 -5.78 -1.81 -4.44
C GLN A 136 -5.82 -0.30 -4.78
N ALA A 137 -6.95 0.36 -4.52
CA ALA A 137 -8.12 -0.26 -3.90
C ALA A 137 -9.04 -0.91 -4.91
N ILE A 138 -9.33 -0.21 -6.01
CA ILE A 138 -10.34 -0.69 -6.94
C ILE A 138 -9.87 -0.68 -8.39
N HIS A 139 -8.71 -1.26 -8.65
CA HIS A 139 -8.19 -1.32 -10.00
C HIS A 139 -8.20 -2.72 -10.60
N CYS A 140 -8.57 -3.73 -9.82
CA CYS A 140 -8.59 -5.10 -10.35
C CYS A 140 -9.52 -5.15 -11.56
N ARG A 141 -10.64 -4.46 -11.46
CA ARG A 141 -11.61 -4.34 -12.54
C ARG A 141 -10.98 -3.82 -13.83
N ALA A 142 -9.82 -3.19 -13.75
CA ALA A 142 -9.17 -2.67 -14.95
C ALA A 142 -8.23 -3.70 -15.53
N ILE A 143 -8.20 -4.88 -14.92
CA ILE A 143 -7.46 -6.01 -15.48
C ILE A 143 -8.41 -7.09 -15.98
N LEU A 144 -9.52 -7.28 -15.26
CA LEU A 144 -10.51 -8.29 -15.62
C LEU A 144 -11.84 -8.05 -14.90
N PRO A 145 -12.95 -8.51 -15.49
CA PRO A 145 -14.27 -8.32 -14.88
C PRO A 145 -14.37 -9.09 -13.56
N CYS A 146 -14.95 -8.45 -12.55
CA CYS A 146 -15.03 -9.06 -11.23
C CYS A 146 -15.98 -8.29 -10.33
N GLN A 147 -16.31 -8.88 -9.19
CA GLN A 147 -16.93 -8.13 -8.10
C GLN A 147 -15.80 -7.43 -7.37
N ASP A 148 -15.50 -6.19 -7.77
CA ASP A 148 -14.32 -5.49 -7.27
C ASP A 148 -14.61 -4.85 -5.92
N THR A 149 -14.74 -5.70 -4.91
CA THR A 149 -15.07 -5.26 -3.56
C THR A 149 -14.42 -6.21 -2.57
N PRO A 150 -13.89 -5.68 -1.46
CA PRO A 150 -13.18 -6.51 -0.47
C PRO A 150 -14.14 -7.40 0.33
N SER A 151 -15.43 -7.26 0.09
CA SER A 151 -16.44 -8.02 0.83
C SER A 151 -16.58 -9.42 0.24
N VAL A 152 -15.86 -9.67 -0.84
CA VAL A 152 -15.89 -10.97 -1.51
C VAL A 152 -14.49 -11.56 -1.54
N LYS A 153 -14.36 -12.81 -1.13
CA LYS A 153 -13.06 -13.49 -1.18
C LYS A 153 -13.15 -14.76 -2.02
N LEU A 154 -12.15 -14.96 -2.87
CA LEU A 154 -12.11 -16.10 -3.76
C LEU A 154 -10.72 -16.71 -3.78
N THR A 155 -10.65 -18.00 -4.06
CA THR A 155 -9.38 -18.63 -4.43
C THR A 155 -9.13 -18.36 -5.91
N TYR A 156 -7.91 -18.58 -6.39
CA TYR A 156 -7.65 -18.47 -7.82
C TYR A 156 -6.45 -19.28 -8.29
N THR A 157 -6.47 -19.63 -9.57
CA THR A 157 -5.35 -20.31 -10.20
C THR A 157 -5.04 -19.59 -11.51
N ALA A 158 -3.77 -19.53 -11.88
CA ALA A 158 -3.39 -18.76 -13.05
C ALA A 158 -2.34 -19.42 -13.93
N GLU A 159 -2.54 -19.32 -15.23
CA GLU A 159 -1.51 -19.62 -16.21
C GLU A 159 -1.33 -18.42 -17.11
N VAL A 160 -0.09 -17.95 -17.25
CA VAL A 160 0.17 -16.73 -17.99
C VAL A 160 1.32 -16.94 -18.98
N SER A 161 1.10 -16.56 -20.24
CA SER A 161 2.10 -16.77 -21.27
C SER A 161 2.91 -15.49 -21.52
N VAL A 162 4.22 -15.61 -21.39
CA VAL A 162 5.12 -14.46 -21.55
C VAL A 162 6.28 -14.85 -22.45
N PRO A 163 6.99 -13.85 -22.99
CA PRO A 163 8.21 -14.12 -23.76
C PRO A 163 9.21 -14.94 -22.94
N LYS A 164 9.79 -15.96 -23.56
CA LYS A 164 10.55 -16.97 -22.81
C LYS A 164 11.76 -16.40 -22.07
N GLU A 165 12.19 -15.21 -22.47
CA GLU A 165 13.31 -14.56 -21.82
C GLU A 165 12.87 -13.84 -20.54
N LEU A 166 11.57 -13.74 -20.33
CA LEU A 166 11.02 -13.01 -19.19
C LEU A 166 10.38 -13.93 -18.15
N VAL A 167 10.33 -13.46 -16.91
CA VAL A 167 9.73 -14.21 -15.81
C VAL A 167 8.44 -13.56 -15.33
N ALA A 168 7.45 -14.39 -15.02
CA ALA A 168 6.19 -13.90 -14.46
C ALA A 168 6.02 -14.39 -13.01
N LEU A 169 5.53 -13.50 -12.15
CA LEU A 169 5.22 -13.86 -10.76
C LEU A 169 3.85 -13.34 -10.39
N MET A 170 3.15 -14.07 -9.53
CA MET A 170 1.84 -13.63 -9.05
C MET A 170 1.73 -13.73 -7.53
N SER A 171 0.64 -13.18 -7.00
CA SER A 171 0.35 -13.32 -5.58
C SER A 171 -0.21 -14.71 -5.28
N ALA A 172 0.62 -15.73 -5.52
CA ALA A 172 0.21 -17.12 -5.41
C ALA A 172 1.43 -18.00 -5.26
N ILE A 173 1.21 -19.30 -5.09
CA ILE A 173 2.32 -20.24 -5.08
C ILE A 173 2.70 -20.57 -6.52
N ARG A 174 4.00 -20.50 -6.82
CA ARG A 174 4.47 -20.83 -8.15
C ARG A 174 4.24 -22.31 -8.41
N ASP A 175 3.54 -22.61 -9.50
CA ASP A 175 3.12 -23.98 -9.80
C ASP A 175 3.79 -24.50 -11.07
N GLY A 176 5.08 -24.19 -11.23
CA GLY A 176 5.83 -24.73 -12.35
C GLY A 176 5.78 -23.91 -13.62
N GLU A 177 6.70 -24.20 -14.54
CA GLU A 177 6.81 -23.46 -15.80
C GLU A 177 7.17 -24.41 -16.95
N THR A 178 6.47 -24.25 -18.06
CA THR A 178 6.70 -25.09 -19.24
C THR A 178 6.79 -24.23 -20.48
N PRO A 179 7.44 -24.74 -21.54
CA PRO A 179 7.38 -24.05 -22.83
C PRO A 179 5.93 -23.95 -23.30
N ASP A 180 5.55 -22.79 -23.81
CA ASP A 180 4.19 -22.60 -24.33
C ASP A 180 3.98 -23.52 -25.52
N PRO A 181 3.11 -24.53 -25.36
CA PRO A 181 2.85 -25.52 -26.42
C PRO A 181 2.26 -24.87 -27.67
N GLU A 182 1.45 -23.83 -27.46
CA GLU A 182 0.69 -23.22 -28.55
C GLU A 182 1.58 -22.30 -29.40
N ASP A 183 2.79 -22.77 -29.67
CA ASP A 183 3.69 -22.22 -30.68
C ASP A 183 4.88 -21.43 -30.14
N PRO A 184 4.70 -20.14 -29.84
CA PRO A 184 5.88 -19.27 -29.85
C PRO A 184 6.97 -19.72 -28.89
N SER A 185 8.16 -19.13 -29.04
CA SER A 185 9.20 -19.27 -28.04
C SER A 185 8.78 -18.49 -26.80
N ARG A 186 7.51 -18.64 -26.43
CA ARG A 186 6.97 -18.08 -25.21
C ARG A 186 6.93 -19.15 -24.13
N LYS A 187 7.01 -18.72 -22.88
CA LYS A 187 6.96 -19.61 -21.74
C LYS A 187 5.66 -19.35 -20.99
N ILE A 188 5.05 -20.39 -20.45
CA ILE A 188 3.84 -20.22 -19.66
C ILE A 188 4.05 -20.57 -18.20
N TYR A 189 3.65 -19.66 -17.31
CA TYR A 189 3.87 -19.81 -15.89
C TYR A 189 2.56 -20.11 -15.15
N LYS A 190 2.61 -21.03 -14.20
CA LYS A 190 1.42 -21.44 -13.46
C LYS A 190 1.48 -20.98 -12.00
N PHE A 191 0.31 -20.70 -11.44
CA PHE A 191 0.21 -20.22 -10.07
C PHE A 191 -1.05 -20.75 -9.40
N ILE A 192 -0.98 -21.00 -8.11
CA ILE A 192 -2.17 -21.40 -7.35
C ILE A 192 -2.27 -20.66 -6.02
N GLN A 193 -3.44 -20.11 -5.75
CA GLN A 193 -3.71 -19.44 -4.49
C GLN A 193 -4.86 -20.17 -3.80
N LYS A 194 -4.53 -21.01 -2.83
CA LYS A 194 -5.52 -21.87 -2.18
C LYS A 194 -6.27 -21.19 -1.04
N VAL A 195 -5.78 -20.03 -0.60
CA VAL A 195 -6.49 -19.27 0.42
C VAL A 195 -7.37 -18.22 -0.23
N PRO A 196 -8.65 -18.17 0.16
CA PRO A 196 -9.54 -17.13 -0.39
C PRO A 196 -9.09 -15.72 -0.02
N ILE A 197 -9.07 -14.83 -1.01
CA ILE A 197 -8.57 -13.47 -0.85
C ILE A 197 -9.50 -12.48 -1.54
N PRO A 198 -9.54 -11.22 -1.05
CA PRO A 198 -10.24 -10.16 -1.80
C PRO A 198 -9.51 -9.93 -3.12
N CYS A 199 -10.22 -9.51 -4.16
CA CYS A 199 -9.59 -9.37 -5.48
C CYS A 199 -8.52 -8.28 -5.58
N TYR A 200 -8.43 -7.38 -4.60
CA TYR A 200 -7.40 -6.34 -4.62
C TYR A 200 -6.02 -6.93 -4.33
N LEU A 201 -6.01 -8.16 -3.85
CA LEU A 201 -4.75 -8.86 -3.56
C LEU A 201 -4.23 -9.68 -4.74
N ILE A 202 -4.91 -9.62 -5.87
CA ILE A 202 -4.38 -10.26 -7.08
C ILE A 202 -3.32 -9.37 -7.72
N ALA A 203 -2.13 -9.93 -7.93
CA ALA A 203 -1.01 -9.17 -8.46
C ALA A 203 -0.26 -9.96 -9.51
N LEU A 204 0.26 -9.24 -10.51
CA LEU A 204 1.11 -9.83 -11.55
C LEU A 204 2.31 -8.94 -11.85
N VAL A 205 3.48 -9.56 -12.03
CA VAL A 205 4.68 -8.88 -12.52
C VAL A 205 5.36 -9.71 -13.60
N VAL A 206 5.78 -9.05 -14.67
CA VAL A 206 6.52 -9.73 -15.74
C VAL A 206 7.75 -8.91 -16.14
N GLY A 207 8.92 -9.54 -16.04
CA GLY A 207 10.15 -8.87 -16.45
C GLY A 207 11.36 -9.77 -16.37
N ALA A 208 12.52 -9.23 -16.69
CA ALA A 208 13.78 -9.96 -16.58
C ALA A 208 14.15 -10.13 -15.11
N LEU A 209 13.50 -11.07 -14.45
CA LEU A 209 13.66 -11.20 -13.00
C LEU A 209 14.64 -12.29 -12.62
N GLU A 210 15.50 -11.96 -11.66
CA GLU A 210 16.36 -12.95 -10.99
C GLU A 210 15.96 -13.02 -9.53
N SER A 211 16.34 -14.13 -8.88
CA SER A 211 16.01 -14.32 -7.47
C SER A 211 17.25 -14.65 -6.64
N ARG A 212 17.07 -14.62 -5.33
CA ARG A 212 18.11 -15.04 -4.39
C ARG A 212 17.38 -15.47 -3.13
N GLN A 213 17.81 -16.56 -2.52
CA GLN A 213 17.13 -17.06 -1.32
C GLN A 213 17.76 -16.52 -0.06
N ILE A 214 16.94 -15.91 0.79
CA ILE A 214 17.44 -15.27 2.01
C ILE A 214 16.75 -15.86 3.23
N GLY A 215 15.79 -16.75 3.00
CA GLY A 215 15.14 -17.42 4.10
C GLY A 215 14.55 -18.74 3.64
N PRO A 216 14.17 -19.64 4.57
CA PRO A 216 13.65 -20.96 4.22
C PRO A 216 12.34 -20.90 3.41
N ARG A 217 11.62 -19.78 3.54
CA ARG A 217 10.39 -19.59 2.78
C ARG A 217 10.38 -18.24 2.06
N THR A 218 11.57 -17.68 1.84
CA THR A 218 11.69 -16.37 1.22
C THR A 218 12.77 -16.30 0.14
N LEU A 219 12.34 -15.98 -1.08
CA LEU A 219 13.26 -15.54 -2.13
C LEU A 219 13.06 -14.04 -2.36
N VAL A 220 14.13 -13.33 -2.70
CA VAL A 220 14.04 -11.93 -3.12
C VAL A 220 14.13 -11.85 -4.64
N TRP A 221 13.20 -11.12 -5.25
CA TRP A 221 13.18 -10.98 -6.71
C TRP A 221 13.39 -9.53 -7.15
N SER A 222 14.13 -9.36 -8.24
CA SER A 222 14.37 -8.04 -8.82
C SER A 222 15.21 -8.25 -10.08
N GLU A 223 15.47 -7.17 -10.82
CA GLU A 223 16.44 -7.22 -11.88
C GLU A 223 17.83 -7.50 -11.30
N LYS A 224 18.72 -8.01 -12.15
CA LYS A 224 20.04 -8.45 -11.72
C LYS A 224 20.81 -7.40 -10.91
N GLU A 225 20.68 -6.15 -11.30
CA GLU A 225 21.51 -5.10 -10.70
C GLU A 225 21.08 -4.70 -9.29
N GLN A 226 19.89 -5.13 -8.89
CA GLN A 226 19.40 -4.83 -7.54
C GLN A 226 19.36 -6.07 -6.63
N VAL A 227 19.62 -7.23 -7.20
CA VAL A 227 19.48 -8.49 -6.46
C VAL A 227 20.35 -8.56 -5.20
N GLU A 228 21.65 -8.30 -5.35
CA GLU A 228 22.58 -8.41 -4.25
C GLU A 228 22.26 -7.42 -3.13
N LYS A 229 21.92 -6.18 -3.51
CA LYS A 229 21.60 -5.16 -2.53
C LYS A 229 20.31 -5.50 -1.80
N SER A 230 19.31 -5.97 -2.53
CA SER A 230 18.04 -6.34 -1.93
C SER A 230 18.21 -7.52 -0.95
N ALA A 231 18.96 -8.52 -1.35
CA ALA A 231 19.18 -9.69 -0.51
C ALA A 231 19.81 -9.29 0.81
N TYR A 232 20.71 -8.31 0.77
CA TYR A 232 21.30 -7.79 2.00
C TYR A 232 20.29 -6.99 2.82
N GLU A 233 19.62 -6.05 2.16
CA GLU A 233 18.77 -5.09 2.85
C GLU A 233 17.69 -5.79 3.68
N PHE A 234 17.13 -6.85 3.12
CA PHE A 234 15.96 -7.50 3.69
C PHE A 234 16.29 -8.84 4.35
N SER A 235 17.51 -8.95 4.86
CA SER A 235 17.99 -10.22 5.43
C SER A 235 17.17 -10.62 6.66
N GLU A 236 16.70 -9.64 7.42
CA GLU A 236 16.03 -9.91 8.68
C GLU A 236 14.63 -10.46 8.48
N THR A 237 14.24 -10.70 7.23
CA THR A 237 12.86 -11.02 6.92
C THR A 237 12.33 -12.25 7.66
N GLU A 238 13.11 -13.33 7.71
CA GLU A 238 12.64 -14.56 8.34
C GLU A 238 12.39 -14.39 9.83
N SER A 239 13.28 -13.68 10.51
CA SER A 239 13.14 -13.44 11.95
C SER A 239 11.92 -12.58 12.27
N MET A 240 11.54 -11.69 11.35
CA MET A 240 10.32 -10.90 11.54
C MET A 240 9.08 -11.77 11.36
N LEU A 241 9.14 -12.68 10.39
CA LEU A 241 8.04 -13.61 10.13
C LEU A 241 7.76 -14.48 11.38
N LYS A 242 8.82 -14.93 12.03
CA LYS A 242 8.68 -15.74 13.23
C LYS A 242 8.07 -14.96 14.38
N ILE A 243 8.48 -13.71 14.55
CA ILE A 243 7.88 -12.87 15.59
C ILE A 243 6.41 -12.63 15.28
N ALA A 244 6.14 -12.33 14.01
CA ALA A 244 4.77 -12.11 13.55
C ALA A 244 3.89 -13.34 13.79
N GLU A 245 4.43 -14.52 13.55
CA GLU A 245 3.67 -15.74 13.80
C GLU A 245 3.38 -15.91 15.28
N ASP A 246 4.30 -15.47 16.12
CA ASP A 246 4.10 -15.54 17.57
C ASP A 246 3.00 -14.58 18.03
N LEU A 247 2.88 -13.45 17.34
CA LEU A 247 1.89 -12.43 17.70
C LEU A 247 0.51 -12.73 17.13
N GLY A 248 0.46 -13.19 15.88
CA GLY A 248 -0.83 -13.29 15.21
C GLY A 248 -1.36 -14.70 15.00
N GLY A 249 -0.54 -15.69 15.32
CA GLY A 249 -0.90 -17.07 15.03
C GLY A 249 -0.14 -17.57 13.81
N PRO A 250 -0.49 -18.77 13.31
CA PRO A 250 0.23 -19.37 12.19
C PRO A 250 0.18 -18.56 10.90
N TYR A 251 1.30 -18.53 10.20
CA TYR A 251 1.36 -17.97 8.85
C TYR A 251 0.85 -19.03 7.89
N VAL A 252 -0.26 -18.75 7.21
CA VAL A 252 -1.01 -19.78 6.51
C VAL A 252 -0.73 -19.80 5.00
N TRP A 253 0.09 -18.86 4.53
CA TRP A 253 0.22 -18.62 3.10
C TRP A 253 1.33 -19.43 2.44
N GLY A 254 2.18 -20.06 3.25
CA GLY A 254 3.21 -20.93 2.70
C GLY A 254 4.52 -20.21 2.45
N GLN A 255 4.62 -19.57 1.29
CA GLN A 255 5.82 -18.82 0.93
C GLN A 255 5.66 -17.35 1.33
N TYR A 256 6.75 -16.72 1.77
CA TYR A 256 6.81 -15.27 1.83
C TYR A 256 7.96 -14.73 0.98
N ASP A 257 7.69 -14.53 -0.31
CA ASP A 257 8.68 -13.95 -1.23
C ASP A 257 8.59 -12.41 -1.24
N LEU A 258 9.67 -11.77 -1.69
CA LEU A 258 9.71 -10.32 -1.86
C LEU A 258 10.06 -9.95 -3.31
N LEU A 259 9.34 -8.96 -3.84
CA LEU A 259 9.64 -8.42 -5.16
C LEU A 259 10.02 -6.94 -5.05
N VAL A 260 11.22 -6.60 -5.51
CA VAL A 260 11.67 -5.21 -5.50
C VAL A 260 11.46 -4.59 -6.87
N LEU A 261 10.44 -3.73 -6.96
CA LEU A 261 9.99 -3.20 -8.24
C LEU A 261 10.85 -2.04 -8.76
N PRO A 262 10.54 -1.54 -9.97
CA PRO A 262 11.13 -0.31 -10.51
C PRO A 262 10.82 0.90 -9.61
N PRO A 263 11.64 1.97 -9.73
CA PRO A 263 11.52 3.14 -8.85
C PRO A 263 10.14 3.81 -8.90
N SER A 264 9.38 3.53 -9.95
CA SER A 264 8.07 4.14 -10.12
C SER A 264 6.96 3.46 -9.32
N PHE A 265 7.26 2.35 -8.65
CA PHE A 265 6.26 1.72 -7.81
C PHE A 265 5.76 2.78 -6.82
N PRO A 266 4.44 3.04 -6.82
CA PRO A 266 3.80 4.15 -6.09
C PRO A 266 3.76 4.09 -4.56
N TYR A 267 3.93 2.91 -3.97
CA TYR A 267 3.88 2.80 -2.51
C TYR A 267 5.16 2.22 -1.92
N GLY A 268 5.29 2.31 -0.60
CA GLY A 268 6.42 1.69 0.07
C GLY A 268 6.38 0.18 -0.07
N GLY A 269 5.18 -0.38 -0.02
CA GLY A 269 5.03 -1.81 -0.23
C GLY A 269 3.57 -2.17 -0.48
N MET A 270 3.33 -3.40 -0.93
CA MET A 270 1.97 -3.91 -1.12
C MET A 270 1.91 -5.37 -0.67
N GLU A 271 0.95 -5.67 0.19
CA GLU A 271 0.92 -6.96 0.87
C GLU A 271 0.36 -8.10 0.00
N ASN A 272 0.81 -8.18 -1.25
CA ASN A 272 0.29 -9.21 -2.14
C ASN A 272 0.66 -10.58 -1.59
N PRO A 273 -0.34 -11.46 -1.41
CA PRO A 273 -0.16 -12.75 -0.74
C PRO A 273 0.92 -13.61 -1.40
N CYS A 274 1.84 -14.13 -0.60
CA CYS A 274 2.93 -14.99 -1.10
C CYS A 274 4.06 -14.21 -1.77
N LEU A 275 3.82 -12.94 -2.07
CA LEU A 275 4.78 -12.11 -2.79
C LEU A 275 4.59 -10.63 -2.46
N THR A 276 5.18 -10.18 -1.37
CA THR A 276 5.13 -8.76 -1.05
C THR A 276 5.90 -7.94 -2.07
N PHE A 277 5.32 -6.82 -2.50
CA PHE A 277 6.01 -5.86 -3.37
C PHE A 277 6.62 -4.75 -2.50
N VAL A 278 7.82 -4.30 -2.82
CA VAL A 278 8.41 -3.15 -2.13
C VAL A 278 9.09 -2.15 -3.08
N THR A 279 9.13 -0.90 -2.67
CA THR A 279 9.82 0.14 -3.42
C THR A 279 11.32 -0.03 -3.29
N PRO A 280 12.07 0.24 -4.37
CA PRO A 280 13.54 0.24 -4.29
C PRO A 280 14.08 1.37 -3.41
N THR A 281 13.22 2.32 -3.04
CA THR A 281 13.67 3.38 -2.14
C THR A 281 13.92 2.86 -0.72
N LEU A 282 13.59 1.59 -0.47
CA LEU A 282 13.93 0.98 0.82
C LEU A 282 15.40 0.61 0.91
N LEU A 283 16.09 0.58 -0.23
CA LEU A 283 17.47 0.12 -0.28
C LEU A 283 18.43 1.18 0.26
N ALA A 284 18.45 1.34 1.58
CA ALA A 284 19.26 2.36 2.21
C ALA A 284 20.69 1.88 2.42
N GLY A 285 20.86 0.56 2.41
CA GLY A 285 22.18 -0.01 2.58
C GLY A 285 22.54 -0.35 4.01
N ASP A 286 21.60 -0.15 4.93
CA ASP A 286 21.86 -0.45 6.34
C ASP A 286 20.65 -1.09 7.03
N LYS A 287 19.62 -1.42 6.25
CA LYS A 287 18.45 -2.14 6.75
C LYS A 287 17.53 -1.27 7.59
N SER A 288 17.82 0.04 7.61
CA SER A 288 17.16 0.95 8.54
C SER A 288 15.69 1.19 8.19
N LEU A 289 15.28 0.82 6.99
CA LEU A 289 13.89 1.01 6.56
C LEU A 289 13.08 -0.29 6.57
N SER A 290 13.55 -1.26 7.34
CA SER A 290 12.91 -2.58 7.38
C SER A 290 11.53 -2.59 8.07
N ASN A 291 11.17 -1.51 8.73
CA ASN A 291 9.82 -1.44 9.34
C ASN A 291 8.75 -1.64 8.25
N VAL A 292 9.06 -1.24 7.02
CA VAL A 292 8.14 -1.43 5.90
C VAL A 292 7.94 -2.92 5.60
N ILE A 293 8.99 -3.71 5.74
CA ILE A 293 8.86 -5.16 5.58
C ILE A 293 7.99 -5.75 6.71
N ALA A 294 8.27 -5.34 7.94
CA ALA A 294 7.50 -5.81 9.10
C ALA A 294 6.03 -5.47 8.90
N HIS A 295 5.79 -4.32 8.29
CA HIS A 295 4.43 -3.87 8.01
C HIS A 295 3.73 -4.80 7.00
N GLU A 296 4.39 -5.07 5.88
CA GLU A 296 3.84 -5.95 4.85
C GLU A 296 3.66 -7.39 5.35
N ILE A 297 4.59 -7.83 6.20
CA ILE A 297 4.45 -9.14 6.85
C ILE A 297 3.20 -9.20 7.72
N SER A 298 2.94 -8.14 8.48
CA SER A 298 1.81 -8.15 9.42
C SER A 298 0.46 -8.22 8.71
N HIS A 299 0.42 -7.72 7.47
CA HIS A 299 -0.79 -7.83 6.66
C HIS A 299 -1.17 -9.28 6.37
N SER A 300 -0.21 -10.19 6.49
CA SER A 300 -0.47 -11.61 6.29
C SER A 300 -1.53 -12.10 7.26
N TRP A 301 -1.84 -11.28 8.28
CA TRP A 301 -2.94 -11.56 9.20
C TRP A 301 -4.00 -10.45 9.16
N THR A 302 -3.63 -9.24 9.54
CA THR A 302 -4.58 -8.13 9.53
C THR A 302 -4.60 -7.46 8.16
N GLY A 303 -5.68 -7.74 7.42
CA GLY A 303 -5.79 -7.28 6.05
C GLY A 303 -6.06 -8.43 5.10
N ASN A 304 -5.13 -9.37 5.00
CA ASN A 304 -5.26 -10.50 4.08
C ASN A 304 -6.09 -11.66 4.64
N LEU A 305 -6.02 -11.89 5.95
CA LEU A 305 -6.87 -12.90 6.60
C LEU A 305 -8.17 -12.30 7.11
N VAL A 306 -8.05 -11.25 7.94
CA VAL A 306 -9.21 -10.47 8.35
C VAL A 306 -9.18 -9.16 7.56
N THR A 307 -10.24 -8.94 6.78
CA THR A 307 -10.22 -7.94 5.70
C THR A 307 -11.34 -6.92 5.90
N ASN A 308 -11.08 -5.64 5.60
CA ASN A 308 -12.15 -4.67 5.66
C ASN A 308 -13.23 -5.04 4.63
N LYS A 309 -14.49 -5.03 5.07
CA LYS A 309 -15.60 -5.43 4.21
C LYS A 309 -15.92 -4.37 3.13
N THR A 310 -15.73 -3.09 3.46
CA THR A 310 -15.73 -2.03 2.46
C THR A 310 -14.57 -1.10 2.77
N TRP A 311 -14.26 -0.21 1.83
CA TRP A 311 -13.12 0.68 2.02
C TRP A 311 -13.38 1.74 3.09
N ASP A 312 -14.66 1.97 3.43
CA ASP A 312 -14.99 2.86 4.55
C ASP A 312 -14.33 2.42 5.86
N HIS A 313 -14.02 1.13 5.97
CA HIS A 313 -13.46 0.57 7.20
C HIS A 313 -12.00 0.18 7.02
N PHE A 314 -11.36 0.86 6.08
CA PHE A 314 -9.95 0.66 5.77
C PHE A 314 -9.05 0.72 7.00
N TRP A 315 -9.42 1.52 8.00
CA TRP A 315 -8.55 1.66 9.16
C TRP A 315 -8.32 0.31 9.87
N LEU A 316 -9.26 -0.61 9.74
CA LEU A 316 -9.10 -1.93 10.36
C LEU A 316 -7.87 -2.63 9.78
N ASN A 317 -7.70 -2.56 8.46
CA ASN A 317 -6.53 -3.14 7.80
C ASN A 317 -5.25 -2.49 8.31
N GLU A 318 -5.23 -1.16 8.33
CA GLU A 318 -3.97 -0.43 8.51
C GLU A 318 -3.63 -0.17 9.97
N GLY A 319 -4.62 0.21 10.77
CA GLY A 319 -4.36 0.47 12.17
C GLY A 319 -3.78 -0.76 12.86
N HIS A 320 -4.38 -1.91 12.59
CA HIS A 320 -3.93 -3.14 13.24
C HIS A 320 -2.58 -3.60 12.71
N THR A 321 -2.32 -3.35 11.43
CA THR A 321 -1.05 -3.75 10.86
C THR A 321 0.09 -2.86 11.37
N VAL A 322 -0.16 -1.57 11.50
CA VAL A 322 0.84 -0.66 12.07
C VAL A 322 1.11 -1.05 13.51
N TYR A 323 0.06 -1.46 14.23
CA TYR A 323 0.21 -1.91 15.61
C TYR A 323 1.12 -3.16 15.69
N LEU A 324 0.88 -4.15 14.84
CA LEU A 324 1.71 -5.35 14.80
C LEU A 324 3.13 -5.06 14.31
N GLU A 325 3.22 -4.26 13.25
CA GLU A 325 4.50 -3.78 12.71
C GLU A 325 5.40 -3.28 13.82
N ARG A 326 4.84 -2.42 14.67
CA ARG A 326 5.63 -1.76 15.69
C ARG A 326 5.97 -2.68 16.87
N HIS A 327 5.13 -3.69 17.11
CA HIS A 327 5.49 -4.73 18.07
C HIS A 327 6.66 -5.58 17.56
N ILE A 328 6.63 -5.94 16.27
CA ILE A 328 7.75 -6.68 15.68
C ILE A 328 9.06 -5.92 15.87
N CYS A 329 9.07 -4.64 15.50
CA CYS A 329 10.28 -3.84 15.62
C CYS A 329 10.64 -3.61 17.09
N GLY A 330 9.63 -3.54 17.96
CA GLY A 330 9.88 -3.45 19.38
C GLY A 330 10.51 -4.72 19.96
N ARG A 331 10.10 -5.88 19.47
CA ARG A 331 10.71 -7.12 19.92
C ARG A 331 12.15 -7.18 19.46
N LEU A 332 12.40 -6.68 18.25
CA LEU A 332 13.70 -6.75 17.64
C LEU A 332 14.70 -5.74 18.23
N PHE A 333 14.21 -4.55 18.56
CA PHE A 333 15.11 -3.47 18.98
C PHE A 333 14.74 -2.79 20.30
N GLY A 334 13.68 -3.27 20.95
CA GLY A 334 13.37 -2.77 22.28
C GLY A 334 12.07 -1.99 22.38
N GLU A 335 11.45 -2.06 23.55
CA GLU A 335 10.19 -1.36 23.80
C GLU A 335 10.36 0.15 23.67
N LYS A 336 11.54 0.66 23.98
CA LYS A 336 11.82 2.09 23.85
C LYS A 336 11.78 2.54 22.39
N PHE A 337 12.22 1.66 21.50
CA PHE A 337 12.14 1.93 20.07
C PHE A 337 10.68 1.87 19.61
N ARG A 338 9.89 0.96 20.18
CA ARG A 338 8.48 0.89 19.80
C ARG A 338 7.79 2.21 20.15
N HIS A 339 8.08 2.74 21.33
CA HIS A 339 7.48 3.99 21.76
C HIS A 339 7.94 5.19 20.93
N PHE A 340 9.20 5.16 20.51
CA PHE A 340 9.76 6.18 19.63
C PHE A 340 9.01 6.20 18.28
N ASN A 341 8.79 5.02 17.71
CA ASN A 341 8.09 4.93 16.43
C ASN A 341 6.62 5.32 16.60
N ALA A 342 6.02 4.89 17.71
CA ALA A 342 4.66 5.30 18.05
C ALA A 342 4.52 6.81 18.07
N LEU A 343 5.44 7.49 18.76
CA LEU A 343 5.34 8.93 18.91
C LEU A 343 5.57 9.63 17.59
N GLY A 344 6.51 9.10 16.79
CA GLY A 344 6.71 9.62 15.45
C GLY A 344 5.44 9.51 14.61
N GLY A 345 4.71 8.42 14.77
CA GLY A 345 3.46 8.24 14.06
C GLY A 345 2.40 9.27 14.41
N TRP A 346 2.31 9.62 15.68
CA TRP A 346 1.43 10.71 16.10
C TRP A 346 1.83 12.01 15.41
N GLY A 347 3.14 12.22 15.25
CA GLY A 347 3.60 13.42 14.55
C GLY A 347 3.17 13.42 13.10
N GLU A 348 3.18 12.26 12.47
CA GLU A 348 2.71 12.16 11.09
C GLU A 348 1.21 12.40 11.00
N LEU A 349 0.47 11.98 12.03
CA LEU A 349 -0.96 12.26 12.10
C LEU A 349 -1.22 13.77 12.20
N GLN A 350 -0.43 14.46 13.04
CA GLN A 350 -0.56 15.91 13.17
C GLN A 350 -0.40 16.58 11.81
N ASN A 351 0.60 16.13 11.05
CA ASN A 351 0.86 16.67 9.71
C ASN A 351 -0.33 16.44 8.78
N SER A 352 -0.85 15.22 8.76
CA SER A 352 -1.99 14.89 7.89
C SER A 352 -3.22 15.74 8.22
N VAL A 353 -3.48 15.92 9.51
CA VAL A 353 -4.64 16.68 9.94
C VAL A 353 -4.50 18.17 9.61
N LYS A 354 -3.30 18.70 9.75
CA LYS A 354 -3.05 20.10 9.40
C LYS A 354 -3.19 20.30 7.90
N THR A 355 -2.66 19.35 7.13
CA THR A 355 -2.71 19.40 5.67
C THR A 355 -4.14 19.35 5.12
N PHE A 356 -4.94 18.40 5.60
CA PHE A 356 -6.35 18.31 5.20
C PHE A 356 -7.19 19.41 5.81
N GLY A 357 -6.81 19.84 7.01
CA GLY A 357 -7.68 20.68 7.81
C GLY A 357 -8.42 19.85 8.85
N GLU A 358 -8.61 20.39 10.04
CA GLU A 358 -9.13 19.63 11.17
C GLU A 358 -10.62 19.29 11.09
N THR A 359 -11.33 19.88 10.14
CA THR A 359 -12.75 19.58 9.97
C THR A 359 -12.98 18.78 8.69
N HIS A 360 -11.89 18.37 8.05
CA HIS A 360 -11.96 17.63 6.79
C HIS A 360 -12.42 16.19 7.02
N PRO A 361 -13.36 15.71 6.20
CA PRO A 361 -13.96 14.37 6.31
C PRO A 361 -12.95 13.24 6.21
N PHE A 362 -11.83 13.50 5.54
CA PHE A 362 -10.80 12.47 5.39
C PHE A 362 -9.92 12.33 6.65
N THR A 363 -10.18 13.12 7.68
CA THR A 363 -9.45 12.96 8.95
C THR A 363 -10.30 12.19 9.98
N LYS A 364 -11.44 11.69 9.54
CA LYS A 364 -12.22 10.76 10.35
C LYS A 364 -11.61 9.37 10.21
N LEU A 365 -11.77 8.55 11.24
CA LEU A 365 -11.23 7.18 11.20
C LEU A 365 -12.06 6.29 10.27
N VAL A 366 -13.37 6.27 10.48
CA VAL A 366 -14.29 5.60 9.58
C VAL A 366 -14.78 6.65 8.57
N VAL A 367 -14.59 6.39 7.28
CA VAL A 367 -14.90 7.41 6.27
C VAL A 367 -16.07 7.00 5.38
N ASP A 368 -16.52 7.95 4.54
CA ASP A 368 -17.60 7.68 3.58
C ASP A 368 -17.11 8.01 2.19
N LEU A 369 -16.83 6.98 1.40
CA LEU A 369 -16.23 7.17 0.10
C LEU A 369 -17.25 7.22 -1.04
N THR A 370 -18.50 7.52 -0.69
CA THR A 370 -19.53 7.70 -1.72
C THR A 370 -19.10 8.84 -2.65
N ASP A 371 -18.90 8.49 -3.92
CA ASP A 371 -18.52 9.46 -4.94
C ASP A 371 -17.15 10.08 -4.70
N ILE A 372 -16.29 9.36 -3.98
CA ILE A 372 -14.90 9.75 -3.81
C ILE A 372 -13.97 8.70 -4.42
N ASP A 373 -13.04 9.13 -5.27
CA ASP A 373 -12.02 8.23 -5.77
C ASP A 373 -11.09 7.84 -4.62
N PRO A 374 -10.99 6.54 -4.31
CA PRO A 374 -10.17 6.05 -3.21
C PRO A 374 -8.72 6.54 -3.24
N ASP A 375 -8.14 6.59 -4.44
CA ASP A 375 -6.77 7.07 -4.60
C ASP A 375 -6.59 8.53 -4.21
N VAL A 376 -7.69 9.28 -4.20
CA VAL A 376 -7.65 10.68 -3.81
C VAL A 376 -7.79 10.83 -2.29
N ALA A 377 -8.55 9.92 -1.68
CA ALA A 377 -8.77 9.97 -0.24
C ALA A 377 -7.57 9.43 0.55
N TYR A 378 -6.77 8.58 -0.09
CA TYR A 378 -5.68 7.88 0.60
C TYR A 378 -4.70 8.81 1.32
N SER A 379 -4.37 8.46 2.56
CA SER A 379 -3.42 9.21 3.37
C SER A 379 -2.98 8.38 4.57
N SER A 380 -2.16 8.97 5.43
CA SER A 380 -1.68 8.25 6.60
C SER A 380 -2.68 8.29 7.76
N VAL A 381 -3.81 8.94 7.56
CA VAL A 381 -4.83 9.02 8.63
C VAL A 381 -5.32 7.66 9.12
N PRO A 382 -5.75 6.76 8.22
CA PRO A 382 -6.21 5.46 8.73
C PRO A 382 -5.08 4.65 9.39
N TYR A 383 -3.86 4.83 8.91
CA TYR A 383 -2.70 4.16 9.53
C TYR A 383 -2.47 4.67 10.95
N GLU A 384 -2.41 5.99 11.11
CA GLU A 384 -1.91 6.57 12.34
C GLU A 384 -3.01 6.93 13.34
N LYS A 385 -4.18 7.31 12.84
CA LYS A 385 -5.30 7.45 13.76
C LYS A 385 -5.75 6.06 14.21
N GLY A 386 -5.68 5.09 13.31
CA GLY A 386 -6.00 3.72 13.68
C GLY A 386 -5.03 3.15 14.71
N PHE A 387 -3.75 3.34 14.47
CA PHE A 387 -2.74 2.92 15.44
C PHE A 387 -2.93 3.63 16.78
N ALA A 388 -3.20 4.92 16.75
CA ALA A 388 -3.32 5.68 17.99
C ALA A 388 -4.48 5.16 18.83
N LEU A 389 -5.58 4.80 18.18
CA LEU A 389 -6.71 4.21 18.91
C LEU A 389 -6.33 2.90 19.59
N LEU A 390 -5.62 2.02 18.88
CA LEU A 390 -5.24 0.72 19.44
C LEU A 390 -4.20 0.87 20.57
N PHE A 391 -3.30 1.84 20.44
CA PHE A 391 -2.27 2.10 21.45
C PHE A 391 -2.91 2.67 22.71
N TYR A 392 -3.90 3.53 22.52
CA TYR A 392 -4.67 4.09 23.64
C TYR A 392 -5.43 2.99 24.38
N LEU A 393 -6.07 2.10 23.63
CA LEU A 393 -6.78 0.97 24.23
C LEU A 393 -5.83 0.00 24.92
N GLU A 394 -4.63 -0.16 24.35
CA GLU A 394 -3.61 -1.01 24.95
C GLU A 394 -3.30 -0.53 26.37
N GLN A 395 -3.10 0.78 26.51
CA GLN A 395 -2.77 1.37 27.78
C GLN A 395 -3.98 1.42 28.71
N LEU A 396 -5.16 1.52 28.13
CA LEU A 396 -6.38 1.61 28.91
C LEU A 396 -6.76 0.24 29.49
N LEU A 397 -6.45 -0.82 28.75
CA LEU A 397 -6.92 -2.16 29.13
C LEU A 397 -5.85 -2.99 29.85
N GLY A 398 -4.71 -2.38 30.14
CA GLY A 398 -3.74 -3.04 31.01
C GLY A 398 -2.43 -3.49 30.38
N GLY A 399 -2.08 -2.93 29.22
CA GLY A 399 -0.75 -3.17 28.68
C GLY A 399 -0.68 -4.08 27.47
N PRO A 400 0.49 -4.14 26.82
CA PRO A 400 0.70 -4.84 25.54
C PRO A 400 0.44 -6.35 25.59
N GLU A 401 0.84 -6.99 26.68
CA GLU A 401 0.56 -8.41 26.86
C GLU A 401 -0.93 -8.68 26.71
N ILE A 402 -1.74 -7.93 27.46
CA ILE A 402 -3.18 -8.11 27.47
C ILE A 402 -3.80 -7.81 26.10
N PHE A 403 -3.37 -6.73 25.47
CA PHE A 403 -4.00 -6.31 24.24
C PHE A 403 -3.61 -7.23 23.09
N LEU A 404 -2.39 -7.75 23.13
CA LEU A 404 -1.94 -8.67 22.11
C LEU A 404 -2.73 -9.98 22.17
N GLY A 405 -3.20 -10.32 23.37
CA GLY A 405 -4.07 -11.47 23.51
C GLY A 405 -5.39 -11.22 22.79
N PHE A 406 -5.91 -10.01 22.93
CA PHE A 406 -7.09 -9.63 22.17
C PHE A 406 -6.84 -9.73 20.67
N LEU A 407 -5.70 -9.20 20.23
CA LEU A 407 -5.42 -9.15 18.80
C LEU A 407 -5.34 -10.55 18.17
N LYS A 408 -4.78 -11.50 18.89
CA LYS A 408 -4.68 -12.87 18.38
C LYS A 408 -6.05 -13.54 18.32
N ALA A 409 -6.89 -13.31 19.32
CA ALA A 409 -8.24 -13.86 19.33
C ALA A 409 -9.08 -13.19 18.23
N TYR A 410 -8.87 -11.89 18.04
CA TYR A 410 -9.51 -11.14 16.96
C TYR A 410 -9.16 -11.76 15.60
N VAL A 411 -7.88 -11.98 15.37
CA VAL A 411 -7.44 -12.60 14.12
C VAL A 411 -8.05 -13.99 13.93
N GLU A 412 -8.01 -14.81 14.97
CA GLU A 412 -8.58 -16.14 14.93
C GLU A 412 -10.07 -16.08 14.61
N LYS A 413 -10.77 -15.20 15.31
CA LYS A 413 -12.22 -15.08 15.18
C LYS A 413 -12.67 -14.73 13.76
N PHE A 414 -11.95 -13.84 13.09
CA PHE A 414 -12.41 -13.33 11.81
C PHE A 414 -11.56 -13.73 10.60
N SER A 415 -10.72 -14.75 10.76
CA SER A 415 -9.90 -15.21 9.64
C SER A 415 -10.77 -15.61 8.46
N TYR A 416 -10.31 -15.26 7.26
CA TYR A 416 -10.99 -15.61 6.01
C TYR A 416 -12.30 -14.85 5.81
N LYS A 417 -12.56 -13.89 6.69
CA LYS A 417 -13.79 -13.10 6.64
C LYS A 417 -13.53 -11.62 6.30
N SER A 418 -14.57 -10.92 5.87
CA SER A 418 -14.51 -9.48 5.67
C SER A 418 -15.45 -8.78 6.65
N ILE A 419 -14.94 -7.79 7.38
CA ILE A 419 -15.68 -7.27 8.54
C ILE A 419 -15.76 -5.75 8.58
N THR A 420 -16.67 -5.25 9.40
CA THR A 420 -16.87 -3.81 9.56
C THR A 420 -16.31 -3.37 10.91
N THR A 421 -16.20 -2.05 11.08
CA THR A 421 -15.80 -1.48 12.35
C THR A 421 -16.67 -1.99 13.51
N ASP A 422 -17.95 -2.21 13.25
CA ASP A 422 -18.83 -2.68 14.31
C ASP A 422 -18.52 -4.13 14.73
N ASP A 423 -18.20 -4.98 13.77
CA ASP A 423 -17.79 -6.34 14.11
C ASP A 423 -16.59 -6.29 15.04
N TRP A 424 -15.64 -5.41 14.71
CA TRP A 424 -14.44 -5.29 15.51
C TRP A 424 -14.77 -4.86 16.94
N LYS A 425 -15.58 -3.81 17.05
CA LYS A 425 -15.86 -3.19 18.35
C LYS A 425 -16.68 -4.06 19.29
N ASP A 426 -17.72 -4.72 18.82
CA ASP A 426 -18.44 -5.55 19.77
C ASP A 426 -17.80 -6.91 20.00
N PHE A 427 -16.81 -7.27 19.19
CA PHE A 427 -15.94 -8.36 19.58
C PHE A 427 -14.98 -7.89 20.67
N LEU A 428 -14.49 -6.66 20.54
CA LEU A 428 -13.68 -6.04 21.58
C LEU A 428 -14.42 -6.09 22.92
N TYR A 429 -15.69 -5.69 22.89
CA TYR A 429 -16.53 -5.69 24.09
C TYR A 429 -16.80 -7.10 24.62
N SER A 430 -16.83 -8.07 23.72
CA SER A 430 -17.07 -9.45 24.13
C SER A 430 -15.81 -10.05 24.74
N TYR A 431 -14.67 -9.80 24.10
CA TYR A 431 -13.40 -10.30 24.62
C TYR A 431 -13.13 -9.72 26.00
N PHE A 432 -13.39 -8.42 26.13
CA PHE A 432 -13.15 -7.72 27.39
C PHE A 432 -14.43 -7.51 28.17
N LYS A 433 -15.26 -8.55 28.27
CA LYS A 433 -16.50 -8.46 29.02
C LYS A 433 -16.25 -8.06 30.47
N ASP A 434 -15.12 -8.48 31.01
CA ASP A 434 -14.78 -8.20 32.40
C ASP A 434 -14.31 -6.75 32.61
N LYS A 435 -14.21 -6.00 31.52
CA LYS A 435 -13.75 -4.61 31.61
C LYS A 435 -14.65 -3.64 30.85
N VAL A 436 -15.91 -4.00 30.67
CA VAL A 436 -16.81 -3.18 29.88
C VAL A 436 -16.95 -1.77 30.44
N ASP A 437 -16.82 -1.63 31.75
CA ASP A 437 -16.88 -0.32 32.38
C ASP A 437 -15.70 0.55 31.95
N VAL A 438 -14.55 -0.09 31.74
CA VAL A 438 -13.38 0.62 31.22
C VAL A 438 -13.66 1.02 29.77
N LEU A 439 -14.15 0.08 28.98
CA LEU A 439 -14.44 0.35 27.58
C LEU A 439 -15.46 1.47 27.42
N ASN A 440 -16.39 1.58 28.35
CA ASN A 440 -17.42 2.60 28.27
C ASN A 440 -16.88 3.99 28.63
N GLN A 441 -15.61 4.03 29.02
CA GLN A 441 -14.94 5.29 29.31
C GLN A 441 -14.43 5.97 28.04
N VAL A 442 -14.21 5.20 26.98
CA VAL A 442 -13.64 5.79 25.77
C VAL A 442 -14.68 6.51 24.92
N ASP A 443 -14.28 7.65 24.37
CA ASP A 443 -15.17 8.46 23.54
C ASP A 443 -15.25 7.86 22.14
N TRP A 444 -16.07 6.84 21.99
CA TRP A 444 -16.15 6.09 20.74
C TRP A 444 -16.57 6.98 19.56
N ASN A 445 -17.55 7.85 19.79
CA ASN A 445 -18.05 8.73 18.75
C ASN A 445 -16.94 9.62 18.22
N ALA A 446 -16.16 10.22 19.12
CA ALA A 446 -15.06 11.08 18.71
C ALA A 446 -14.00 10.30 17.95
N TRP A 447 -13.55 9.19 18.53
CA TRP A 447 -12.49 8.40 17.90
C TRP A 447 -12.88 7.85 16.52
N LEU A 448 -14.11 7.36 16.40
CA LEU A 448 -14.54 6.69 15.18
C LEU A 448 -15.07 7.67 14.12
N TYR A 449 -15.70 8.75 14.57
CA TYR A 449 -16.54 9.55 13.67
C TYR A 449 -16.22 11.04 13.61
N SER A 450 -15.40 11.55 14.53
CA SER A 450 -15.05 12.96 14.53
C SER A 450 -13.77 13.26 13.75
N PRO A 451 -13.79 14.35 12.96
CA PRO A 451 -12.60 14.81 12.24
C PRO A 451 -11.54 15.31 13.22
N GLY A 452 -10.32 15.54 12.71
CA GLY A 452 -9.28 16.15 13.52
C GLY A 452 -8.45 15.17 14.35
N LEU A 453 -7.62 15.72 15.22
CA LEU A 453 -6.83 14.90 16.15
C LEU A 453 -7.76 14.13 17.09
N PRO A 454 -7.34 12.93 17.51
CA PRO A 454 -8.07 12.13 18.50
C PRO A 454 -8.38 12.93 19.76
N PRO A 455 -9.46 12.57 20.47
CA PRO A 455 -9.89 13.29 21.68
C PRO A 455 -8.88 13.21 22.82
N ILE A 456 -8.03 12.19 22.81
CA ILE A 456 -7.01 12.06 23.85
C ILE A 456 -5.72 11.50 23.26
N LYS A 457 -4.58 11.91 23.81
CA LYS A 457 -3.28 11.45 23.34
C LYS A 457 -2.73 10.34 24.25
N PRO A 458 -2.27 9.23 23.66
CA PRO A 458 -1.70 8.15 24.47
C PRO A 458 -0.45 8.64 25.22
N ASN A 459 0.11 7.78 26.08
CA ASN A 459 1.36 8.09 26.75
C ASN A 459 2.52 7.46 25.99
N TYR A 460 3.60 8.23 25.82
CA TYR A 460 4.76 7.73 25.08
C TYR A 460 6.02 7.89 25.91
N ASP A 461 6.80 6.81 25.99
CA ASP A 461 8.15 6.92 26.53
C ASP A 461 8.94 7.92 25.68
N MET A 462 9.77 8.72 26.32
CA MET A 462 10.45 9.82 25.63
C MET A 462 11.95 9.59 25.43
N THR A 463 12.45 8.46 25.91
CA THR A 463 13.89 8.22 25.96
C THR A 463 14.61 8.61 24.67
N LEU A 464 14.25 7.95 23.56
CA LEU A 464 14.94 8.18 22.29
C LEU A 464 14.53 9.47 21.57
N THR A 465 13.41 10.05 21.98
CA THR A 465 12.88 11.24 21.32
C THR A 465 13.51 12.53 21.84
N ASN A 466 13.93 12.52 23.11
CA ASN A 466 14.43 13.72 23.78
C ASN A 466 15.54 14.45 23.03
N ALA A 467 16.51 13.71 22.49
CA ALA A 467 17.64 14.34 21.83
C ALA A 467 17.22 14.96 20.50
N CYS A 468 16.16 14.42 19.90
CA CYS A 468 15.62 14.98 18.66
C CYS A 468 14.96 16.31 18.94
N ILE A 469 14.17 16.34 20.01
CA ILE A 469 13.49 17.56 20.43
C ILE A 469 14.48 18.67 20.79
N ALA A 470 15.54 18.30 21.50
CA ALA A 470 16.56 19.27 21.92
C ALA A 470 17.21 19.93 20.70
N LEU A 471 17.59 19.13 19.72
CA LEU A 471 18.31 19.65 18.56
C LEU A 471 17.39 20.47 17.64
N SER A 472 16.18 19.98 17.41
CA SER A 472 15.25 20.71 16.54
C SER A 472 14.92 22.07 17.14
N GLN A 473 14.66 22.08 18.45
CA GLN A 473 14.40 23.34 19.14
C GLN A 473 15.59 24.30 19.06
N ARG A 474 16.81 23.79 19.18
CA ARG A 474 17.98 24.65 19.05
C ARG A 474 18.04 25.32 17.66
N TRP A 475 17.76 24.55 16.63
CA TRP A 475 17.73 25.11 15.29
C TRP A 475 16.56 26.06 15.09
N ILE A 476 15.37 25.67 15.57
CA ILE A 476 14.18 26.48 15.39
C ILE A 476 14.31 27.82 16.10
N THR A 477 14.95 27.84 17.27
CA THR A 477 15.10 29.07 18.04
C THR A 477 16.46 29.77 17.88
N ALA A 478 17.35 29.20 17.07
CA ALA A 478 18.71 29.73 16.94
C ALA A 478 18.71 31.18 16.45
N LYS A 479 19.65 31.95 16.97
CA LYS A 479 19.91 33.28 16.43
C LYS A 479 21.33 33.33 15.89
N GLU A 480 21.70 34.46 15.30
CA GLU A 480 22.99 34.60 14.63
C GLU A 480 24.14 34.08 15.49
N ASP A 481 24.13 34.39 16.78
CA ASP A 481 25.25 34.03 17.65
C ASP A 481 25.27 32.56 18.08
N ASP A 482 24.32 31.76 17.59
CA ASP A 482 24.29 30.33 17.86
C ASP A 482 24.84 29.50 16.70
N LEU A 483 24.85 30.09 15.52
CA LEU A 483 25.14 29.34 14.29
C LEU A 483 26.53 28.69 14.28
N ASN A 484 27.51 29.37 14.86
CA ASN A 484 28.89 28.87 14.82
C ASN A 484 29.13 27.74 15.81
N SER A 485 28.22 27.58 16.76
CA SER A 485 28.33 26.50 17.75
C SER A 485 27.86 25.16 17.19
N PHE A 486 26.99 25.17 16.18
CA PHE A 486 26.52 23.91 15.63
C PHE A 486 27.71 23.19 15.02
N ASN A 487 27.71 21.86 15.10
CA ASN A 487 28.86 21.07 14.67
C ASN A 487 28.39 19.65 14.32
N ALA A 488 29.16 18.98 13.47
CA ALA A 488 28.90 17.59 13.14
C ALA A 488 28.81 16.73 14.41
N THR A 489 29.44 17.19 15.49
CA THR A 489 29.38 16.44 16.74
C THR A 489 27.97 16.40 17.34
N ASP A 490 27.10 17.29 16.90
CA ASP A 490 25.71 17.26 17.35
C ASP A 490 25.05 15.92 17.03
N LEU A 491 25.51 15.29 15.96
CA LEU A 491 24.86 14.09 15.43
C LEU A 491 25.48 12.81 15.99
N LYS A 492 26.54 12.96 16.78
CA LYS A 492 27.39 11.85 17.22
C LYS A 492 26.62 10.61 17.68
N ASP A 493 25.67 10.78 18.59
CA ASP A 493 24.99 9.62 19.16
C ASP A 493 23.55 9.46 18.64
N LEU A 494 23.31 9.92 17.41
CA LEU A 494 21.97 9.81 16.83
C LEU A 494 21.93 8.74 15.75
N SER A 495 20.97 7.83 15.87
CA SER A 495 20.72 6.85 14.82
C SER A 495 20.11 7.54 13.60
N SER A 496 20.08 6.84 12.46
CA SER A 496 19.43 7.38 11.28
C SER A 496 17.95 7.65 11.59
N HIS A 497 17.35 6.80 12.42
CA HIS A 497 15.96 6.97 12.82
C HIS A 497 15.75 8.31 13.55
N GLN A 498 16.70 8.67 14.39
CA GLN A 498 16.62 9.93 15.13
C GLN A 498 16.90 11.13 14.23
N LEU A 499 17.81 10.95 13.27
CA LEU A 499 18.10 12.00 12.29
C LEU A 499 16.83 12.36 11.52
N ASN A 500 16.14 11.33 11.06
CA ASN A 500 14.87 11.51 10.37
C ASN A 500 13.84 12.25 11.25
N GLU A 501 13.76 11.86 12.53
CA GLU A 501 12.77 12.46 13.43
C GLU A 501 13.15 13.90 13.72
N PHE A 502 14.45 14.17 13.84
CA PHE A 502 14.93 15.52 14.00
C PHE A 502 14.46 16.42 12.85
N LEU A 503 14.64 15.94 11.63
CA LEU A 503 14.21 16.67 10.44
C LEU A 503 12.69 16.84 10.40
N ALA A 504 11.95 15.80 10.78
CA ALA A 504 10.50 15.88 10.77
C ALA A 504 10.01 16.96 11.73
N GLN A 505 10.58 16.99 12.93
CA GLN A 505 10.22 18.02 13.90
C GLN A 505 10.59 19.40 13.37
N THR A 506 11.74 19.52 12.72
CA THR A 506 12.15 20.82 12.21
C THR A 506 11.23 21.27 11.06
N LEU A 507 10.84 20.32 10.23
CA LEU A 507 10.01 20.62 9.07
C LEU A 507 8.64 21.15 9.48
N GLN A 508 8.13 20.68 10.61
CA GLN A 508 6.85 21.17 11.13
C GLN A 508 6.85 22.68 11.34
N ARG A 509 8.03 23.27 11.53
CA ARG A 509 8.15 24.70 11.81
C ARG A 509 8.82 25.48 10.66
N ALA A 510 8.90 24.86 9.49
CA ALA A 510 9.45 25.55 8.32
C ALA A 510 8.51 26.67 7.92
N PRO A 511 9.03 27.71 7.25
CA PRO A 511 10.44 27.86 6.87
C PRO A 511 11.36 28.19 8.04
N LEU A 512 12.60 27.75 7.96
CA LEU A 512 13.66 28.35 8.76
C LEU A 512 14.33 29.43 7.90
N PRO A 513 15.03 30.37 8.54
CA PRO A 513 15.77 31.38 7.77
C PRO A 513 16.74 30.69 6.81
N LEU A 514 16.96 31.28 5.65
CA LEU A 514 17.80 30.65 4.62
C LEU A 514 19.23 30.41 5.12
N GLY A 515 19.76 31.37 5.85
CA GLY A 515 21.09 31.23 6.40
C GLY A 515 21.22 30.03 7.34
N HIS A 516 20.17 29.75 8.10
CA HIS A 516 20.18 28.61 9.01
C HIS A 516 20.29 27.29 8.22
N ILE A 517 19.53 27.17 7.15
CA ILE A 517 19.50 25.94 6.39
C ILE A 517 20.81 25.76 5.64
N LYS A 518 21.41 26.85 5.19
CA LYS A 518 22.76 26.79 4.62
C LYS A 518 23.78 26.27 5.63
N ARG A 519 23.75 26.80 6.85
CA ARG A 519 24.67 26.37 7.90
C ARG A 519 24.43 24.90 8.25
N MET A 520 23.17 24.48 8.20
CA MET A 520 22.84 23.10 8.53
C MET A 520 23.54 22.14 7.56
N GLN A 521 23.52 22.46 6.28
CA GLN A 521 24.23 21.63 5.29
C GLN A 521 25.73 21.71 5.58
N GLU A 522 26.17 22.88 6.01
CA GLU A 522 27.58 23.13 6.29
C GLU A 522 28.09 22.26 7.44
N VAL A 523 27.30 22.12 8.50
CA VAL A 523 27.74 21.31 9.62
C VAL A 523 27.36 19.84 9.54
N TYR A 524 26.23 19.52 8.90
CA TYR A 524 25.73 18.13 8.93
C TYR A 524 25.84 17.38 7.61
N ASN A 525 26.03 18.10 6.50
CA ASN A 525 26.18 17.47 5.18
C ASN A 525 25.04 16.49 4.88
N PHE A 526 23.79 16.94 5.05
CA PHE A 526 22.63 16.12 4.71
C PHE A 526 22.49 15.85 3.22
N ASN A 527 23.10 16.70 2.39
CA ASN A 527 23.09 16.49 0.95
C ASN A 527 23.65 15.12 0.57
N ALA A 528 24.55 14.60 1.40
CA ALA A 528 25.27 13.38 1.05
C ALA A 528 24.51 12.11 1.48
N ILE A 529 23.46 12.26 2.27
CA ILE A 529 22.73 11.08 2.74
C ILE A 529 21.73 10.57 1.72
N ASN A 530 21.77 9.28 1.43
CA ASN A 530 20.94 8.71 0.38
C ASN A 530 19.67 8.04 0.91
N ASN A 531 19.65 7.81 2.21
CA ASN A 531 18.47 7.29 2.89
C ASN A 531 17.24 8.11 2.47
N SER A 532 16.27 7.45 1.85
CA SER A 532 15.19 8.16 1.18
C SER A 532 14.27 8.96 2.11
N GLU A 533 13.98 8.43 3.28
CA GLU A 533 13.12 9.14 4.23
C GLU A 533 13.80 10.43 4.68
N ILE A 534 15.09 10.33 5.00
CA ILE A 534 15.85 11.49 5.43
C ILE A 534 16.01 12.52 4.31
N ARG A 535 16.39 12.06 3.12
CA ARG A 535 16.61 12.99 2.01
C ARG A 535 15.31 13.70 1.66
N PHE A 536 14.21 12.95 1.61
CA PHE A 536 12.88 13.51 1.40
C PHE A 536 12.61 14.72 2.31
N ARG A 537 12.72 14.52 3.61
CA ARG A 537 12.40 15.58 4.57
C ARG A 537 13.41 16.74 4.54
N TRP A 538 14.67 16.41 4.32
CA TRP A 538 15.71 17.44 4.19
C TRP A 538 15.45 18.35 2.99
N LEU A 539 15.13 17.77 1.83
CA LEU A 539 14.86 18.58 0.64
C LEU A 539 13.54 19.38 0.76
N ARG A 540 12.52 18.80 1.38
CA ARG A 540 11.33 19.57 1.70
C ARG A 540 11.69 20.79 2.57
N LEU A 541 12.53 20.58 3.57
CA LEU A 541 12.91 21.69 4.46
C LEU A 541 13.68 22.77 3.70
N CYS A 542 14.58 22.34 2.80
CA CYS A 542 15.36 23.27 2.00
C CYS A 542 14.48 24.10 1.07
N ILE A 543 13.52 23.43 0.42
CA ILE A 543 12.66 24.10 -0.55
C ILE A 543 11.71 25.08 0.15
N GLN A 544 11.07 24.63 1.23
CA GLN A 544 10.12 25.48 1.94
C GLN A 544 10.86 26.66 2.60
N SER A 545 12.17 26.51 2.79
CA SER A 545 12.98 27.60 3.35
C SER A 545 13.65 28.44 2.25
N LYS A 546 13.27 28.19 0.99
CA LYS A 546 13.58 29.06 -0.13
C LYS A 546 15.03 28.96 -0.61
N TRP A 547 15.65 27.80 -0.45
CA TRP A 547 17.02 27.61 -0.90
C TRP A 547 17.04 27.17 -2.36
N GLU A 548 17.42 28.07 -3.25
CA GLU A 548 17.35 27.79 -4.68
C GLU A 548 18.27 26.64 -5.09
N ASP A 549 19.41 26.50 -4.40
CA ASP A 549 20.34 25.42 -4.73
C ASP A 549 19.74 24.04 -4.56
N ALA A 550 18.71 23.93 -3.74
CA ALA A 550 18.06 22.63 -3.52
C ALA A 550 17.06 22.26 -4.62
N ILE A 551 16.81 23.18 -5.55
CA ILE A 551 15.78 22.96 -6.56
C ILE A 551 16.08 21.77 -7.48
N PRO A 552 17.30 21.72 -8.04
CA PRO A 552 17.63 20.56 -8.87
C PRO A 552 17.65 19.23 -8.10
N LEU A 553 18.05 19.29 -6.83
CA LEU A 553 18.06 18.07 -6.01
C LEU A 553 16.63 17.55 -5.83
N ALA A 554 15.70 18.46 -5.59
CA ALA A 554 14.32 18.09 -5.33
C ALA A 554 13.64 17.57 -6.60
N LEU A 555 13.83 18.28 -7.72
CA LEU A 555 13.29 17.83 -8.99
C LEU A 555 13.81 16.44 -9.34
N LYS A 556 15.09 16.22 -9.07
CA LYS A 556 15.72 14.94 -9.36
C LYS A 556 15.10 13.79 -8.57
N MET A 557 14.95 13.97 -7.25
CA MET A 557 14.36 12.92 -6.43
C MET A 557 12.90 12.68 -6.81
N ALA A 558 12.18 13.75 -7.16
CA ALA A 558 10.75 13.66 -7.47
C ALA A 558 10.48 12.85 -8.74
N THR A 559 11.45 12.82 -9.64
CA THR A 559 11.26 12.20 -10.95
C THR A 559 12.04 10.89 -11.11
N GLU A 560 13.11 10.71 -10.34
CA GLU A 560 13.95 9.53 -10.46
C GLU A 560 13.33 8.32 -9.74
N GLN A 561 12.39 8.60 -8.86
CA GLN A 561 11.56 7.56 -8.26
C GLN A 561 10.14 8.10 -8.21
N GLY A 562 9.18 7.23 -7.89
CA GLY A 562 7.78 7.61 -8.00
C GLY A 562 6.93 7.18 -6.83
N ARG A 563 7.55 6.84 -5.72
CA ARG A 563 6.80 6.58 -4.50
C ARG A 563 6.03 7.84 -4.15
N MET A 564 4.71 7.74 -4.09
CA MET A 564 3.87 8.93 -4.01
C MET A 564 4.09 9.71 -2.71
N LYS A 565 4.48 8.99 -1.67
CA LYS A 565 4.81 9.58 -0.37
C LYS A 565 5.90 10.65 -0.53
N PHE A 566 6.82 10.43 -1.45
CA PHE A 566 7.92 11.37 -1.71
C PHE A 566 7.58 12.31 -2.86
N THR A 567 7.07 11.74 -3.95
CA THR A 567 6.96 12.47 -5.20
C THR A 567 5.90 13.56 -5.16
N ARG A 568 4.74 13.26 -4.59
CA ARG A 568 3.68 14.25 -4.51
C ARG A 568 4.04 15.49 -3.69
N PRO A 569 4.58 15.29 -2.47
CA PRO A 569 4.92 16.49 -1.69
C PRO A 569 6.11 17.30 -2.23
N LEU A 570 7.05 16.63 -2.90
CA LEU A 570 8.16 17.33 -3.51
C LEU A 570 7.66 18.25 -4.65
N PHE A 571 6.83 17.71 -5.55
CA PHE A 571 6.26 18.50 -6.62
C PHE A 571 5.43 19.64 -6.06
N LYS A 572 4.74 19.37 -4.96
CA LYS A 572 3.89 20.39 -4.36
C LYS A 572 4.69 21.50 -3.69
N ASP A 573 5.79 21.16 -3.01
CA ASP A 573 6.65 22.19 -2.45
C ASP A 573 7.29 23.04 -3.56
N LEU A 574 7.74 22.37 -4.62
CA LEU A 574 8.40 23.05 -5.74
C LEU A 574 7.45 23.99 -6.48
N ALA A 575 6.17 23.62 -6.54
CA ALA A 575 5.17 24.47 -7.17
C ALA A 575 4.88 25.70 -6.31
N ALA A 576 4.98 25.55 -4.99
CA ALA A 576 4.70 26.64 -4.06
C ALA A 576 5.87 27.62 -3.93
N PHE A 577 7.06 27.18 -4.36
CA PHE A 577 8.25 28.04 -4.35
C PHE A 577 8.29 28.84 -5.66
N ASP A 578 8.21 30.16 -5.57
CA ASP A 578 8.03 30.96 -6.78
C ASP A 578 9.16 30.74 -7.78
N LYS A 579 10.37 30.50 -7.26
CA LYS A 579 11.55 30.31 -8.10
C LYS A 579 11.54 29.00 -8.88
N SER A 580 10.86 27.97 -8.37
CA SER A 580 10.86 26.67 -9.03
C SER A 580 9.52 26.29 -9.68
N HIS A 581 8.51 27.15 -9.51
CA HIS A 581 7.17 26.79 -9.95
C HIS A 581 7.10 26.38 -11.42
N ASP A 582 7.60 27.23 -12.31
CA ASP A 582 7.48 26.98 -13.74
C ASP A 582 8.21 25.72 -14.16
N GLN A 583 9.40 25.50 -13.62
CA GLN A 583 10.15 24.30 -13.93
C GLN A 583 9.47 23.06 -13.37
N ALA A 584 8.82 23.20 -12.22
CA ALA A 584 8.10 22.08 -11.61
C ALA A 584 6.97 21.61 -12.53
N VAL A 585 6.18 22.56 -13.04
CA VAL A 585 5.10 22.24 -13.95
C VAL A 585 5.64 21.68 -15.27
N ARG A 586 6.68 22.30 -15.81
CA ARG A 586 7.28 21.82 -17.05
C ARG A 586 7.83 20.41 -16.87
N THR A 587 8.47 20.16 -15.74
CA THR A 587 9.08 18.86 -15.50
C THR A 587 8.00 17.78 -15.45
N TYR A 588 6.89 18.09 -14.78
CA TYR A 588 5.78 17.15 -14.72
C TYR A 588 5.22 16.85 -16.11
N GLN A 589 4.95 17.89 -16.90
CA GLN A 589 4.39 17.71 -18.24
C GLN A 589 5.28 16.80 -19.07
N GLU A 590 6.60 16.97 -18.96
CA GLU A 590 7.53 16.17 -19.74
C GLU A 590 7.63 14.72 -19.26
N HIS A 591 7.24 14.47 -18.01
CA HIS A 591 7.42 13.16 -17.41
C HIS A 591 6.14 12.32 -17.35
N LYS A 592 4.99 12.97 -17.41
CA LYS A 592 3.76 12.31 -17.02
C LYS A 592 3.43 11.11 -17.91
N ALA A 593 3.86 11.17 -19.18
CA ALA A 593 3.60 10.06 -20.09
C ALA A 593 4.34 8.80 -19.65
N SER A 594 5.47 8.98 -18.97
CA SER A 594 6.26 7.83 -18.54
C SER A 594 6.01 7.45 -17.08
N MET A 595 5.08 8.15 -16.43
CA MET A 595 4.80 7.88 -15.02
C MET A 595 3.75 6.79 -14.84
N HIS A 596 3.69 6.22 -13.64
CA HIS A 596 2.58 5.34 -13.28
C HIS A 596 1.31 6.15 -13.46
N PRO A 597 0.24 5.51 -13.97
CA PRO A 597 -1.01 6.20 -14.28
C PRO A 597 -1.72 6.88 -13.10
N VAL A 598 -1.73 6.25 -11.95
CA VAL A 598 -2.36 6.85 -10.79
C VAL A 598 -1.56 8.03 -10.27
N THR A 599 -0.23 7.86 -10.21
CA THR A 599 0.66 8.92 -9.78
C THR A 599 0.58 10.12 -10.71
N ALA A 600 0.63 9.87 -12.02
CA ALA A 600 0.49 10.94 -13.00
C ALA A 600 -0.79 11.73 -12.76
N MET A 601 -1.89 11.01 -12.50
CA MET A 601 -3.17 11.66 -12.28
C MET A 601 -3.15 12.54 -11.04
N LEU A 602 -2.62 12.00 -9.94
CA LEU A 602 -2.62 12.71 -8.65
C LEU A 602 -1.71 13.94 -8.64
N VAL A 603 -0.52 13.86 -9.24
CA VAL A 603 0.37 15.02 -9.31
C VAL A 603 -0.24 16.09 -10.21
N GLY A 604 -0.90 15.66 -11.28
CA GLY A 604 -1.60 16.61 -12.14
C GLY A 604 -2.70 17.38 -11.43
N LYS A 605 -3.45 16.69 -10.56
CA LYS A 605 -4.42 17.37 -9.71
C LYS A 605 -3.70 18.29 -8.72
N ASP A 606 -2.67 17.75 -8.08
CA ASP A 606 -1.87 18.52 -7.14
C ASP A 606 -1.38 19.81 -7.77
N LEU A 607 -0.80 19.70 -8.96
CA LEU A 607 -0.22 20.85 -9.66
C LEU A 607 -1.28 21.69 -10.35
N LYS A 608 -2.50 21.15 -10.43
CA LYS A 608 -3.63 21.85 -11.01
C LYS A 608 -3.43 22.10 -12.51
N VAL A 609 -2.94 21.08 -13.21
CA VAL A 609 -2.77 21.19 -14.65
C VAL A 609 -3.34 19.96 -15.37
ZN ZN B . -0.66 -1.41 5.20
YB YB C . 22.14 34.35 21.89
YB YB D . -9.76 -6.85 -31.29
YB YB E . -6.71 -6.49 -29.62
N1 IMD F . 7.56 13.53 13.90
C2 IMD F . 7.20 12.73 12.88
N3 IMD F . 6.42 13.42 12.04
C4 IMD F . 6.28 14.67 12.52
C5 IMD F . 7.01 14.73 13.71
C21 4BQ G . -8.52 5.67 1.39
C22 4BQ G . -8.53 6.53 2.50
C23 4BQ G . -9.29 6.22 3.63
C24 4BQ G . -10.05 5.05 3.67
C25 4BQ G . -10.05 4.18 2.56
C20 4BQ G . -9.29 4.48 1.42
C19 4BQ G . -9.27 3.59 0.34
O18 4BQ G . -8.50 3.86 -0.87
C15 4BQ G . -7.27 3.25 -0.95
C16 4BQ G . -6.76 2.41 0.09
C17 4BQ G . -5.48 1.83 -0.03
C14 4BQ G . -6.47 3.46 -2.08
C13 4BQ G . -5.21 2.88 -2.20
C12 4BQ G . -4.70 2.07 -1.18
N10 4BQ G . -3.41 1.63 -1.30
C8 4BQ G . -2.71 0.97 -0.35
O9 4BQ G . -3.10 0.76 0.80
C7 4BQ G . -1.28 0.61 -0.78
C6 4BQ G . -0.35 0.45 0.43
C4 4BQ G . -0.34 -0.98 1.02
C2 4BQ G . 0.36 -0.94 2.37
O3 4BQ G . 1.53 -1.36 2.43
O1 4BQ G . -0.30 -0.46 3.31
N5 4BQ G . -1.72 -1.48 1.21
#